data_7BMB
#
_entry.id   7BMB
#
_cell.length_a   59.460
_cell.length_b   72.250
_cell.length_c   78.360
_cell.angle_alpha   90.000
_cell.angle_beta   90.000
_cell.angle_gamma   90.000
#
_symmetry.space_group_name_H-M   'P 21 21 21'
#
loop_
_entity.id
_entity.type
_entity.pdbx_description
1 polymer 'Palmitoleoyl-protein carboxylesterase NOTUM'
2 non-polymer 'SULFATE ION'
3 non-polymer 2-acetamido-2-deoxy-beta-D-glucopyranose
4 non-polymer 'DIMETHYL SULFOXIDE'
5 non-polymer GLYCEROL
6 non-polymer '6-(2-prop-2-ynoxyphenyl)hexanoic acid'
7 water water
#
_entity_poly.entity_id   1
_entity_poly.type   'polypeptide(L)'
_entity_poly.pdbx_seq_one_letter_code
;ETGSAQQLNEDLRLHLLLNTSVTCNDGSPAGYYLKESRGSRRWLLFLEGGWYCFNRENCDSRYDTMRRLMSSRDWPRTRT
GTGILSSQPEENPYWWNANMVFIPYCSSDVWSGASSKSEKNEYAFMGALIIQEVVRELLGRGLSGAKVLLLAGSSAGGTG
VLLNVDRVAEQLEKLGYPAIQVRGLADSGWFLDNKQYRHTDCVDTITCAPTEAIRRGIRYWNGVVPERCRRQFQEGEEWN
CFFGYKVYPTLRSPVFVVQWLFDEAQLTVDNVHLTGQPVQEGLRLYIQNLGRELRHTLKDVPASFAPACLSHEIIIRSHW
TDVQVKGTSLPRALHCWDRSLHDSHKASKTPLKGCPVHLVDSCPWPHCNPSCPTGTKHHHHHH
;
_entity_poly.pdbx_strand_id   A
#
loop_
_chem_comp.id
_chem_comp.type
_chem_comp.name
_chem_comp.formula
DMS non-polymer 'DIMETHYL SULFOXIDE' 'C2 H6 O S'
GOL non-polymer GLYCEROL 'C3 H8 O3'
NAG D-saccharide, beta linking 2-acetamido-2-deoxy-beta-D-glucopyranose 'C8 H15 N O6'
SO4 non-polymer 'SULFATE ION' 'O4 S -2'
U3T non-polymer '6-(2-prop-2-ynoxyphenyl)hexanoic acid' 'C15 H18 O3'
#
# COMPACT_ATOMS: atom_id res chain seq x y z
N ASP A 11 11.92 5.34 17.87
CA ASP A 11 10.71 6.12 17.59
C ASP A 11 10.89 6.97 16.35
N LEU A 12 9.81 7.12 15.59
CA LEU A 12 9.76 8.03 14.46
C LEU A 12 9.07 9.32 14.89
N ARG A 13 9.63 10.45 14.48
CA ARG A 13 9.21 11.76 14.94
C ARG A 13 8.36 12.46 13.88
N LEU A 14 7.27 13.08 14.33
CA LEU A 14 6.34 13.73 13.42
C LEU A 14 6.92 15.01 12.84
N HIS A 15 6.76 15.18 11.53
CA HIS A 15 6.96 16.46 10.85
C HIS A 15 5.71 16.77 10.04
N LEU A 16 5.04 17.88 10.37
CA LEU A 16 3.95 18.35 9.54
C LEU A 16 4.52 19.04 8.30
N LEU A 17 3.79 18.95 7.19
CA LEU A 17 4.33 19.46 5.93
C LEU A 17 4.49 20.97 6.00
N LEU A 18 5.66 21.44 5.58
CA LEU A 18 5.92 22.88 5.50
C LEU A 18 5.04 23.56 4.47
N ASN A 19 4.68 22.86 3.39
CA ASN A 19 3.67 23.36 2.46
C ASN A 19 2.30 23.02 3.04
N THR A 20 1.72 23.97 3.77
CA THR A 20 0.48 23.71 4.49
C THR A 20 -0.76 23.73 3.61
N SER A 21 -0.59 23.90 2.29
CA SER A 21 -1.69 23.72 1.34
CA SER A 21 -1.69 23.71 1.35
C SER A 21 -1.86 22.27 0.93
N VAL A 22 -0.99 21.38 1.38
CA VAL A 22 -1.12 19.94 1.16
C VAL A 22 -1.71 19.38 2.46
N THR A 23 -2.99 19.03 2.43
CA THR A 23 -3.73 18.88 3.67
C THR A 23 -4.39 17.51 3.76
N CYS A 24 -4.70 17.15 5.00
CA CYS A 24 -5.60 16.07 5.30
C CYS A 24 -7.02 16.47 4.87
N ASN A 25 -7.97 15.55 5.10
CA ASN A 25 -9.34 15.79 4.64
C ASN A 25 -9.89 17.12 5.16
N ASP A 26 -9.66 17.43 6.44
CA ASP A 26 -10.31 18.60 7.03
C ASP A 26 -9.52 19.89 6.88
N GLY A 27 -8.51 19.92 6.02
CA GLY A 27 -7.70 21.10 5.80
C GLY A 27 -6.50 21.26 6.72
N SER A 28 -6.36 20.40 7.74
CA SER A 28 -5.16 20.44 8.57
C SER A 28 -3.95 19.91 7.80
N PRO A 29 -2.75 20.35 8.16
CA PRO A 29 -1.57 19.91 7.38
C PRO A 29 -1.40 18.40 7.46
N ALA A 30 -1.02 17.80 6.32
CA ALA A 30 -0.58 16.43 6.32
C ALA A 30 0.84 16.35 6.88
N GLY A 31 1.42 15.16 6.90
CA GLY A 31 2.78 15.05 7.41
C GLY A 31 3.38 13.66 7.25
N TYR A 32 4.45 13.44 8.02
CA TYR A 32 5.17 12.18 8.00
C TYR A 32 5.94 12.04 9.32
N TYR A 33 6.19 10.79 9.70
CA TYR A 33 7.05 10.45 10.84
C TYR A 33 8.37 9.95 10.29
N LEU A 34 9.47 10.45 10.85
CA LEU A 34 10.80 10.15 10.32
C LEU A 34 11.71 9.65 11.43
N LYS A 35 12.51 8.63 11.10
CA LYS A 35 13.66 8.24 11.90
C LYS A 35 14.84 8.07 10.94
N GLU A 36 15.78 9.00 10.99
CA GLU A 36 16.91 8.96 10.08
C GLU A 36 17.92 7.91 10.54
N SER A 37 18.71 7.43 9.59
CA SER A 37 19.78 6.48 9.86
C SER A 37 20.96 6.97 9.03
N ARG A 38 21.86 7.72 9.67
CA ARG A 38 22.98 8.30 8.94
C ARG A 38 23.84 7.18 8.36
N GLY A 39 24.46 7.45 7.23
CA GLY A 39 25.26 6.43 6.60
C GLY A 39 24.46 5.50 5.72
N SER A 40 23.22 5.18 6.11
CA SER A 40 22.39 4.34 5.26
C SER A 40 21.88 5.13 4.08
N ARG A 41 21.93 4.52 2.90
CA ARG A 41 21.40 5.13 1.68
C ARG A 41 20.08 4.50 1.24
N ARG A 42 19.44 3.73 2.12
CA ARG A 42 18.11 3.17 1.86
C ARG A 42 17.05 3.98 2.58
N TRP A 43 15.94 4.22 1.89
CA TRP A 43 14.84 5.00 2.44
C TRP A 43 13.54 4.22 2.24
N LEU A 44 12.80 4.03 3.32
CA LEU A 44 11.56 3.26 3.29
C LEU A 44 10.43 4.22 3.63
N LEU A 45 9.54 4.45 2.67
CA LEU A 45 8.39 5.33 2.84
C LEU A 45 7.14 4.45 2.86
N PHE A 46 6.47 4.39 4.00
CA PHE A 46 5.38 3.47 4.23
C PHE A 46 4.07 4.24 4.25
N LEU A 47 3.10 3.78 3.43
CA LEU A 47 1.79 4.39 3.32
C LEU A 47 0.83 3.61 4.21
N GLU A 48 0.27 4.28 5.21
CA GLU A 48 -0.74 3.65 6.06
C GLU A 48 -2.02 3.36 5.25
N GLY A 49 -2.76 2.34 5.68
CA GLY A 49 -4.06 2.03 5.11
C GLY A 49 -5.21 2.48 6.01
N GLY A 50 -6.42 2.04 5.64
CA GLY A 50 -7.60 2.31 6.43
C GLY A 50 -8.87 2.58 5.64
N TRP A 51 -9.14 1.78 4.62
CA TRP A 51 -10.35 1.90 3.78
C TRP A 51 -10.39 3.30 3.14
N TYR A 52 -11.56 3.92 3.04
CA TYR A 52 -11.74 5.20 2.38
C TYR A 52 -13.17 5.66 2.56
N CYS A 53 -13.51 6.84 2.06
CA CYS A 53 -14.91 7.29 2.05
C CYS A 53 -15.19 7.87 0.68
N PHE A 54 -16.44 7.73 0.19
CA PHE A 54 -16.70 8.06 -1.21
C PHE A 54 -17.85 9.03 -1.46
N ASN A 55 -18.44 9.62 -0.43
CA ASN A 55 -19.36 10.73 -0.64
C ASN A 55 -19.41 11.54 0.65
N ARG A 56 -20.17 12.63 0.62
CA ARG A 56 -20.23 13.53 1.76
C ARG A 56 -20.72 12.82 3.00
N GLU A 57 -21.85 12.12 2.90
CA GLU A 57 -22.46 11.49 4.06
C GLU A 57 -21.52 10.47 4.71
N ASN A 58 -20.90 9.61 3.91
CA ASN A 58 -20.08 8.62 4.59
C ASN A 58 -18.72 9.19 5.00
N CYS A 59 -18.25 10.26 4.34
CA CYS A 59 -17.06 10.94 4.88
C CYS A 59 -17.38 11.65 6.19
N ASP A 60 -18.59 12.23 6.30
CA ASP A 60 -19.00 12.82 7.57
C ASP A 60 -18.99 11.78 8.69
N SER A 61 -19.48 10.57 8.40
N SER A 61 -19.47 10.57 8.41
CA SER A 61 -19.47 9.50 9.39
CA SER A 61 -19.47 9.52 9.43
C SER A 61 -18.05 9.15 9.81
C SER A 61 -18.05 9.15 9.82
N ARG A 62 -17.16 9.00 8.83
CA ARG A 62 -15.76 8.72 9.14
C ARG A 62 -15.14 9.83 9.97
N TYR A 63 -15.55 11.09 9.76
CA TYR A 63 -14.99 12.20 10.52
C TYR A 63 -15.38 12.13 12.00
N ASP A 64 -16.53 11.51 12.31
CA ASP A 64 -16.99 11.39 13.69
C ASP A 64 -16.19 10.37 14.48
N THR A 65 -15.83 9.25 13.87
CA THR A 65 -15.33 8.12 14.62
C THR A 65 -14.02 7.57 14.09
N MET A 66 -13.46 8.16 13.04
CA MET A 66 -12.15 7.78 12.50
C MET A 66 -11.37 9.04 12.15
N ARG A 67 -11.40 10.03 13.05
CA ARG A 67 -10.98 11.38 12.69
C ARG A 67 -9.47 11.46 12.44
N ARG A 68 -8.69 10.65 13.15
CA ARG A 68 -7.26 10.60 12.89
C ARG A 68 -6.92 10.16 11.47
N LEU A 69 -7.85 9.51 10.79
CA LEU A 69 -7.68 9.19 9.38
C LEU A 69 -8.19 10.29 8.47
N MET A 70 -8.47 11.48 9.02
CA MET A 70 -9.00 12.58 8.24
C MET A 70 -8.42 13.91 8.67
N SER A 71 -7.50 13.92 9.65
CA SER A 71 -7.05 15.13 10.31
C SER A 71 -5.77 14.84 11.07
N SER A 72 -4.89 15.85 11.13
CA SER A 72 -3.64 15.73 11.88
C SER A 72 -3.72 16.40 13.24
N ARG A 73 -4.85 17.04 13.58
CA ARG A 73 -4.90 17.85 14.78
C ARG A 73 -4.66 17.05 16.05
N ASP A 74 -4.94 15.74 16.06
CA ASP A 74 -4.73 14.93 17.24
C ASP A 74 -3.60 13.91 17.10
N TRP A 75 -2.76 14.03 16.07
CA TRP A 75 -1.68 13.07 15.88
C TRP A 75 -0.67 13.16 17.02
N PRO A 76 -0.11 12.04 17.44
CA PRO A 76 0.96 12.08 18.44
C PRO A 76 2.27 12.55 17.83
N ARG A 77 3.14 13.08 18.70
CA ARG A 77 4.44 13.57 18.24
C ARG A 77 5.35 12.44 17.77
N THR A 78 5.16 11.22 18.24
CA THR A 78 6.03 10.12 17.85
C THR A 78 5.20 8.87 17.55
N ARG A 79 5.86 7.91 16.90
CA ARG A 79 5.32 6.58 16.61
C ARG A 79 6.44 5.57 16.71
N THR A 80 6.16 4.40 17.28
CA THR A 80 7.16 3.34 17.29
C THR A 80 7.19 2.62 15.94
N GLY A 81 8.37 2.47 15.37
CA GLY A 81 8.52 1.67 14.17
C GLY A 81 8.39 0.20 14.51
N THR A 82 7.50 -0.49 13.81
CA THR A 82 7.24 -1.92 14.00
C THR A 82 7.38 -2.65 12.68
N GLY A 83 7.76 -3.93 12.75
CA GLY A 83 7.84 -4.74 11.54
C GLY A 83 8.94 -4.25 10.63
N ILE A 84 8.59 -3.96 9.38
CA ILE A 84 9.59 -3.45 8.44
C ILE A 84 10.04 -2.03 8.78
N LEU A 85 9.29 -1.30 9.61
CA LEU A 85 9.72 0.00 10.12
C LEU A 85 10.50 -0.11 11.42
N SER A 86 10.79 -1.32 11.90
CA SER A 86 11.63 -1.45 13.08
C SER A 86 13.10 -1.34 12.73
N SER A 87 13.86 -0.73 13.64
CA SER A 87 15.31 -0.59 13.51
C SER A 87 16.07 -1.71 14.20
N GLN A 88 15.38 -2.64 14.81
CA GLN A 88 16.08 -3.76 15.45
C GLN A 88 16.24 -4.92 14.47
N PRO A 89 17.45 -5.41 14.22
CA PRO A 89 17.61 -6.53 13.28
C PRO A 89 16.79 -7.75 13.66
N GLU A 90 16.52 -7.97 14.96
CA GLU A 90 15.76 -9.16 15.34
C GLU A 90 14.32 -9.08 14.86
N GLU A 91 13.75 -7.88 14.86
CA GLU A 91 12.38 -7.70 14.39
C GLU A 91 12.33 -7.46 12.88
N ASN A 92 13.39 -6.90 12.31
CA ASN A 92 13.41 -6.52 10.90
C ASN A 92 14.73 -6.97 10.29
N PRO A 93 14.85 -8.25 9.93
CA PRO A 93 16.09 -8.73 9.29
C PRO A 93 16.35 -8.10 7.94
N TYR A 94 15.33 -7.50 7.33
CA TYR A 94 15.45 -6.98 5.97
C TYR A 94 16.18 -5.63 5.93
N TRP A 95 15.54 -4.58 6.46
CA TRP A 95 16.02 -3.22 6.29
C TRP A 95 16.17 -2.50 7.63
N TRP A 96 16.62 -3.19 8.68
CA TRP A 96 16.67 -2.58 10.01
C TRP A 96 17.54 -1.33 10.06
N ASN A 97 18.50 -1.14 9.15
CA ASN A 97 19.37 0.03 9.24
C ASN A 97 18.91 1.17 8.34
N ALA A 98 17.75 1.05 7.70
CA ALA A 98 17.30 2.04 6.74
C ALA A 98 16.72 3.29 7.42
N ASN A 99 16.66 4.38 6.65
CA ASN A 99 15.89 5.55 7.03
C ASN A 99 14.41 5.21 6.94
N MET A 100 13.65 5.47 8.01
CA MET A 100 12.27 5.01 8.13
C MET A 100 11.31 6.19 8.06
N VAL A 101 10.29 6.08 7.19
CA VAL A 101 9.26 7.10 7.07
C VAL A 101 7.89 6.42 7.14
N PHE A 102 7.03 6.91 8.03
CA PHE A 102 5.64 6.48 8.14
C PHE A 102 4.79 7.66 7.74
N ILE A 103 4.02 7.50 6.66
CA ILE A 103 3.16 8.57 6.15
C ILE A 103 1.75 8.25 6.59
N PRO A 104 1.18 8.98 7.54
CA PRO A 104 -0.20 8.72 7.95
C PRO A 104 -1.17 8.92 6.80
N TYR A 105 -2.22 8.11 6.81
CA TYR A 105 -3.27 8.11 5.80
C TYR A 105 -4.36 9.03 6.34
N CYS A 106 -4.43 10.25 5.82
CA CYS A 106 -5.45 11.17 6.30
C CYS A 106 -6.22 11.79 5.14
N SER A 107 -6.25 11.11 3.99
CA SER A 107 -6.93 11.63 2.81
C SER A 107 -8.11 10.77 2.35
N SER A 108 -8.31 9.56 2.92
CA SER A 108 -9.50 8.73 2.69
C SER A 108 -9.77 8.47 1.21
N ASP A 109 -8.71 8.47 0.39
CA ASP A 109 -8.85 8.41 -1.05
C ASP A 109 -7.97 7.32 -1.68
N VAL A 110 -7.55 6.32 -0.91
CA VAL A 110 -6.64 5.28 -1.39
C VAL A 110 -5.43 5.94 -2.05
N TRP A 111 -5.04 7.10 -1.53
CA TRP A 111 -3.82 7.80 -1.93
C TRP A 111 -3.87 8.27 -3.37
N SER A 112 -5.08 8.52 -3.90
CA SER A 112 -5.26 8.87 -5.30
C SER A 112 -5.66 10.32 -5.54
N GLY A 113 -6.03 11.08 -4.50
CA GLY A 113 -6.67 12.36 -4.74
C GLY A 113 -5.69 13.49 -5.04
N ALA A 114 -6.19 14.48 -5.76
CA ALA A 114 -5.46 15.74 -5.93
C ALA A 114 -6.44 16.91 -5.96
N SER A 115 -7.26 17.03 -4.91
N SER A 115 -7.28 17.03 -4.92
CA SER A 115 -8.33 18.02 -4.85
CA SER A 115 -8.31 18.05 -4.87
C SER A 115 -8.30 18.74 -3.51
C SER A 115 -8.30 18.74 -3.51
N SER A 116 -8.31 20.06 -3.54
CA SER A 116 -8.26 20.88 -2.33
C SER A 116 -9.66 21.09 -1.76
N LYS A 117 -9.70 21.33 -0.46
CA LYS A 117 -10.91 21.80 0.19
C LYS A 117 -11.19 23.24 -0.23
N SER A 118 -12.44 23.56 -0.51
CA SER A 118 -12.77 24.89 -1.02
C SER A 118 -14.22 25.21 -0.66
N GLU A 119 -14.80 26.20 -1.35
CA GLU A 119 -16.21 26.49 -1.10
C GLU A 119 -17.12 25.45 -1.73
N LYS A 120 -16.63 24.72 -2.75
CA LYS A 120 -17.39 23.66 -3.38
C LYS A 120 -17.07 22.27 -2.82
N ASN A 121 -16.01 22.13 -2.01
CA ASN A 121 -15.57 20.83 -1.50
C ASN A 121 -15.48 20.89 0.02
N GLU A 122 -16.32 20.09 0.70
CA GLU A 122 -16.24 20.01 2.16
C GLU A 122 -14.89 19.45 2.61
N TYR A 123 -14.33 18.51 1.85
CA TYR A 123 -13.10 17.83 2.25
C TYR A 123 -12.05 17.94 1.15
N ALA A 124 -10.79 17.98 1.55
CA ALA A 124 -9.68 17.87 0.62
C ALA A 124 -9.31 16.40 0.45
N PHE A 125 -9.07 15.98 -0.79
CA PHE A 125 -8.58 14.61 -1.05
C PHE A 125 -7.25 14.75 -1.78
N MET A 126 -6.14 14.67 -1.05
CA MET A 126 -4.85 15.02 -1.62
C MET A 126 -3.80 13.93 -1.47
N GLY A 127 -4.21 12.67 -1.33
CA GLY A 127 -3.25 11.59 -1.10
C GLY A 127 -2.09 11.55 -2.07
N ALA A 128 -2.38 11.69 -3.37
CA ALA A 128 -1.31 11.64 -4.37
C ALA A 128 -0.34 12.82 -4.21
N LEU A 129 -0.87 13.99 -3.89
CA LEU A 129 -0.03 15.17 -3.65
C LEU A 129 0.70 15.07 -2.31
N ILE A 130 0.11 14.42 -1.31
CA ILE A 130 0.80 14.24 -0.03
C ILE A 130 2.08 13.45 -0.23
N ILE A 131 2.01 12.35 -0.98
CA ILE A 131 3.20 11.53 -1.23
C ILE A 131 4.28 12.35 -1.92
N GLN A 132 3.88 13.08 -2.96
CA GLN A 132 4.80 13.91 -3.73
C GLN A 132 5.46 14.96 -2.83
N GLU A 133 4.68 15.58 -1.93
CA GLU A 133 5.23 16.63 -1.09
C GLU A 133 6.16 16.05 -0.02
N VAL A 134 5.81 14.89 0.54
CA VAL A 134 6.70 14.22 1.47
C VAL A 134 8.04 13.92 0.81
N VAL A 135 7.98 13.34 -0.40
CA VAL A 135 9.21 13.04 -1.12
C VAL A 135 10.00 14.33 -1.35
N ARG A 136 9.31 15.39 -1.75
CA ARG A 136 9.98 16.65 -2.03
C ARG A 136 10.69 17.19 -0.79
N GLU A 137 9.99 17.22 0.35
CA GLU A 137 10.58 17.75 1.58
C GLU A 137 11.64 16.81 2.15
N LEU A 138 11.53 15.50 1.92
CA LEU A 138 12.54 14.59 2.42
C LEU A 138 13.89 14.76 1.72
N LEU A 139 13.89 15.26 0.48
CA LEU A 139 15.16 15.36 -0.25
C LEU A 139 16.14 16.28 0.48
N GLY A 140 15.63 17.30 1.17
CA GLY A 140 16.43 18.19 1.98
C GLY A 140 16.86 17.63 3.31
N ARG A 141 16.38 16.44 3.67
CA ARG A 141 16.74 15.79 4.92
C ARG A 141 17.60 14.55 4.72
N GLY A 142 18.18 14.38 3.53
CA GLY A 142 19.04 13.25 3.23
C GLY A 142 18.57 12.35 2.11
N LEU A 143 17.29 12.44 1.70
CA LEU A 143 16.82 11.59 0.61
C LEU A 143 17.62 11.82 -0.67
N SER A 144 18.14 13.03 -0.86
CA SER A 144 18.94 13.34 -2.06
C SER A 144 20.12 12.38 -2.20
N GLY A 145 20.66 11.90 -1.09
CA GLY A 145 21.75 10.94 -1.13
C GLY A 145 21.35 9.49 -1.22
N ALA A 146 20.07 9.18 -1.42
CA ALA A 146 19.64 7.79 -1.38
C ALA A 146 20.15 7.02 -2.58
N LYS A 147 20.30 5.72 -2.40
CA LYS A 147 20.43 4.79 -3.52
C LYS A 147 19.14 4.04 -3.82
N VAL A 148 18.30 3.77 -2.82
CA VAL A 148 17.05 3.06 -3.04
C VAL A 148 15.96 3.78 -2.25
N LEU A 149 14.84 4.06 -2.89
CA LEU A 149 13.64 4.53 -2.21
C LEU A 149 12.59 3.44 -2.37
N LEU A 150 12.27 2.74 -1.29
CA LEU A 150 11.24 1.71 -1.31
C LEU A 150 9.94 2.33 -0.82
N LEU A 151 8.95 2.43 -1.71
CA LEU A 151 7.64 2.94 -1.36
C LEU A 151 6.78 1.74 -0.98
N ALA A 152 6.47 1.62 0.29
CA ALA A 152 5.73 0.50 0.82
C ALA A 152 4.38 0.96 1.35
N GLY A 153 3.51 -0.01 1.63
CA GLY A 153 2.18 0.34 2.11
C GLY A 153 1.32 -0.88 2.34
N SER A 154 0.34 -0.76 3.24
CA SER A 154 -0.52 -1.87 3.62
C SER A 154 -1.98 -1.51 3.41
N SER A 155 -2.76 -2.47 2.93
CA SER A 155 -4.22 -2.34 2.72
C SER A 155 -4.44 -1.23 1.70
N ALA A 156 -5.25 -0.20 2.02
CA ALA A 156 -5.37 0.94 1.11
C ALA A 156 -4.00 1.56 0.82
N GLY A 157 -3.05 1.47 1.76
CA GLY A 157 -1.70 1.94 1.49
C GLY A 157 -0.98 1.09 0.46
N GLY A 158 -1.26 -0.22 0.43
CA GLY A 158 -0.69 -1.09 -0.59
C GLY A 158 -1.23 -0.81 -1.98
N THR A 159 -2.54 -0.56 -2.09
CA THR A 159 -3.07 -0.09 -3.37
C THR A 159 -2.43 1.26 -3.73
N GLY A 160 -2.21 2.12 -2.73
CA GLY A 160 -1.57 3.40 -2.96
C GLY A 160 -0.17 3.27 -3.54
N VAL A 161 0.57 2.23 -3.14
CA VAL A 161 1.89 1.99 -3.75
C VAL A 161 1.75 1.78 -5.24
N LEU A 162 0.80 0.93 -5.63
CA LEU A 162 0.58 0.64 -7.05
C LEU A 162 0.18 1.89 -7.81
N LEU A 163 -0.61 2.75 -7.20
CA LEU A 163 -1.08 3.97 -7.85
C LEU A 163 -0.02 5.06 -7.92
N ASN A 164 0.99 5.03 -7.04
CA ASN A 164 1.92 6.16 -6.96
C ASN A 164 3.38 5.83 -7.23
N VAL A 165 3.78 4.56 -7.31
CA VAL A 165 5.22 4.26 -7.37
C VAL A 165 5.85 4.88 -8.62
N ASP A 166 5.19 4.78 -9.77
CA ASP A 166 5.79 5.34 -11.00
C ASP A 166 5.82 6.87 -10.97
N ARG A 167 4.86 7.49 -10.29
CA ARG A 167 4.86 8.94 -10.19
C ARG A 167 6.03 9.43 -9.34
N VAL A 168 6.33 8.69 -8.27
CA VAL A 168 7.49 9.03 -7.45
C VAL A 168 8.77 8.91 -8.26
N ALA A 169 8.90 7.84 -9.04
CA ALA A 169 10.08 7.67 -9.87
C ALA A 169 10.19 8.79 -10.90
N GLU A 170 9.07 9.16 -11.51
CA GLU A 170 9.06 10.26 -12.47
C GLU A 170 9.39 11.60 -11.80
N GLN A 171 8.83 11.86 -10.62
CA GLN A 171 9.15 13.07 -9.89
C GLN A 171 10.64 13.20 -9.62
N LEU A 172 11.27 12.12 -9.15
CA LEU A 172 12.69 12.20 -8.86
C LEU A 172 13.52 12.33 -10.12
N GLU A 173 13.08 11.71 -11.22
CA GLU A 173 13.78 11.87 -12.50
C GLU A 173 13.74 13.32 -12.96
N LYS A 174 12.55 13.90 -13.02
CA LYS A 174 12.42 15.30 -13.46
C LYS A 174 13.08 16.28 -12.49
N LEU A 175 13.25 15.91 -11.22
CA LEU A 175 13.92 16.78 -10.27
C LEU A 175 15.44 16.70 -10.36
N GLY A 176 15.97 15.77 -11.15
CA GLY A 176 17.40 15.67 -11.31
C GLY A 176 18.07 14.66 -10.41
N TYR A 177 17.34 13.63 -9.97
CA TYR A 177 17.88 12.57 -9.13
C TYR A 177 17.69 11.22 -9.80
N PRO A 178 18.28 11.02 -10.99
CA PRO A 178 18.03 9.76 -11.71
C PRO A 178 18.70 8.56 -11.08
N ALA A 179 19.62 8.74 -10.13
CA ALA A 179 20.33 7.64 -9.51
C ALA A 179 19.55 6.96 -8.40
N ILE A 180 18.54 7.62 -7.85
CA ILE A 180 17.71 7.02 -6.80
C ILE A 180 16.83 5.97 -7.43
N GLN A 181 17.00 4.71 -7.04
CA GLN A 181 16.16 3.64 -7.58
C GLN A 181 14.87 3.58 -6.77
N VAL A 182 13.74 3.84 -7.42
CA VAL A 182 12.43 3.80 -6.75
C VAL A 182 11.83 2.43 -6.96
N ARG A 183 11.35 1.81 -5.87
CA ARG A 183 10.74 0.49 -5.93
C ARG A 183 9.48 0.52 -5.08
N GLY A 184 8.65 -0.50 -5.26
CA GLY A 184 7.38 -0.57 -4.55
C GLY A 184 7.22 -1.88 -3.81
N LEU A 185 6.50 -1.81 -2.69
CA LEU A 185 6.18 -2.98 -1.88
C LEU A 185 4.71 -2.84 -1.48
N ALA A 186 3.83 -3.56 -2.19
CA ALA A 186 2.39 -3.45 -1.99
C ALA A 186 1.91 -4.63 -1.16
N ASP A 187 1.49 -4.35 0.08
CA ASP A 187 1.06 -5.35 1.05
C ASP A 187 -0.46 -5.26 1.22
N SER A 188 -1.15 -6.38 1.01
CA SER A 188 -2.61 -6.49 1.20
C SER A 188 -3.38 -5.41 0.43
N GLY A 189 -2.88 -5.08 -0.75
CA GLY A 189 -3.57 -4.11 -1.57
C GLY A 189 -3.94 -4.64 -2.94
N TRP A 190 -3.92 -5.96 -3.10
CA TRP A 190 -4.11 -6.65 -4.38
C TRP A 190 -5.46 -7.36 -4.37
N PHE A 191 -6.49 -6.69 -4.92
CA PHE A 191 -7.86 -7.15 -4.81
C PHE A 191 -8.43 -7.58 -6.15
N LEU A 192 -9.51 -8.36 -6.06
CA LEU A 192 -10.22 -8.87 -7.23
C LEU A 192 -11.58 -8.19 -7.29
N ASP A 193 -11.95 -7.74 -8.48
CA ASP A 193 -13.29 -7.18 -8.73
C ASP A 193 -14.23 -8.34 -9.10
N ASN A 194 -14.44 -9.20 -8.11
CA ASN A 194 -15.13 -10.46 -8.34
C ASN A 194 -16.59 -10.37 -7.92
N LYS A 195 -17.32 -11.43 -8.24
CA LYS A 195 -18.69 -11.60 -7.82
C LYS A 195 -18.77 -11.83 -6.32
N GLN A 196 -19.70 -11.16 -5.65
CA GLN A 196 -19.93 -11.33 -4.23
C GLN A 196 -20.50 -12.73 -3.94
N TYR A 197 -20.22 -13.25 -2.74
CA TYR A 197 -20.81 -14.54 -2.37
C TYR A 197 -22.32 -14.41 -2.19
N ARG A 198 -22.78 -13.33 -1.54
CA ARG A 198 -24.19 -12.94 -1.46
C ARG A 198 -24.33 -11.47 -1.84
N HIS A 199 -25.26 -11.16 -2.74
CA HIS A 199 -25.27 -9.92 -3.49
C HIS A 199 -26.09 -8.83 -2.81
N THR A 200 -25.76 -7.58 -3.14
CA THR A 200 -26.57 -6.41 -2.84
C THR A 200 -26.36 -5.36 -3.93
N ALA A 209 -20.45 -2.49 -3.51
CA ALA A 209 -19.39 -3.27 -4.13
C ALA A 209 -18.21 -2.36 -4.46
N PRO A 210 -17.00 -2.91 -4.39
CA PRO A 210 -15.80 -2.06 -4.61
C PRO A 210 -15.84 -1.28 -5.90
N THR A 211 -16.25 -1.91 -6.99
CA THR A 211 -16.22 -1.26 -8.30
C THR A 211 -17.02 0.04 -8.28
N GLU A 212 -18.23 0.01 -7.72
CA GLU A 212 -19.02 1.24 -7.74
C GLU A 212 -18.52 2.25 -6.73
N ALA A 213 -18.21 1.79 -5.50
CA ALA A 213 -17.66 2.70 -4.50
C ALA A 213 -16.37 3.35 -4.98
N ILE A 214 -15.49 2.56 -5.60
CA ILE A 214 -14.29 3.15 -6.20
C ILE A 214 -14.65 4.07 -7.35
N ARG A 215 -15.59 3.65 -8.21
CA ARG A 215 -15.94 4.55 -9.30
C ARG A 215 -16.50 5.86 -8.77
N ARG A 216 -17.35 5.79 -7.74
CA ARG A 216 -17.86 7.04 -7.17
C ARG A 216 -16.78 7.79 -6.41
N GLY A 217 -15.90 7.05 -5.71
CA GLY A 217 -14.77 7.68 -5.04
C GLY A 217 -13.93 8.53 -5.96
N ILE A 218 -13.52 7.99 -7.12
CA ILE A 218 -12.64 8.72 -8.01
C ILE A 218 -13.25 10.06 -8.41
N ARG A 219 -14.53 10.04 -8.82
CA ARG A 219 -15.19 11.30 -9.14
C ARG A 219 -15.18 12.23 -7.95
N TYR A 220 -15.51 11.71 -6.76
CA TYR A 220 -15.57 12.53 -5.57
C TYR A 220 -14.21 13.09 -5.19
N TRP A 221 -13.12 12.34 -5.42
CA TRP A 221 -11.80 12.77 -5.00
C TRP A 221 -11.03 13.51 -6.07
N ASN A 222 -11.51 13.55 -7.31
CA ASN A 222 -10.66 13.89 -8.45
C ASN A 222 -9.43 12.99 -8.45
N GLY A 223 -9.69 11.69 -8.31
CA GLY A 223 -8.60 10.75 -8.14
C GLY A 223 -7.80 10.55 -9.42
N VAL A 224 -6.51 10.30 -9.26
CA VAL A 224 -5.63 10.10 -10.40
C VAL A 224 -5.02 8.72 -10.33
N VAL A 225 -4.75 8.15 -11.50
CA VAL A 225 -4.21 6.79 -11.63
C VAL A 225 -2.98 6.87 -12.50
N PRO A 226 -2.14 5.83 -12.52
CA PRO A 226 -0.90 5.91 -13.31
C PRO A 226 -1.22 6.08 -14.80
N GLU A 227 -0.28 6.72 -15.49
CA GLU A 227 -0.55 7.26 -16.82
C GLU A 227 -0.81 6.16 -17.84
N ARG A 228 -0.02 5.10 -17.85
CA ARG A 228 -0.20 4.05 -18.85
C ARG A 228 -1.51 3.30 -18.62
N CYS A 229 -1.84 3.05 -17.36
CA CYS A 229 -3.11 2.37 -17.08
C CYS A 229 -4.30 3.24 -17.46
N ARG A 230 -4.22 4.55 -17.19
CA ARG A 230 -5.26 5.48 -17.59
C ARG A 230 -5.46 5.49 -19.10
N ARG A 231 -4.36 5.40 -19.84
CA ARG A 231 -4.47 5.45 -21.30
C ARG A 231 -5.05 4.15 -21.85
N GLN A 232 -4.88 3.01 -21.15
CA GLN A 232 -5.49 1.76 -21.60
C GLN A 232 -6.99 1.77 -21.39
N PHE A 233 -7.45 2.12 -20.20
CA PHE A 233 -8.86 2.01 -19.85
C PHE A 233 -9.65 3.26 -20.19
N GLN A 234 -8.99 4.42 -20.24
CA GLN A 234 -9.55 5.68 -20.74
C GLN A 234 -10.69 6.23 -19.89
N GLU A 235 -11.24 7.37 -20.30
CA GLU A 235 -12.13 8.15 -19.45
C GLU A 235 -13.32 7.34 -18.97
N GLY A 236 -13.70 7.55 -17.72
CA GLY A 236 -14.78 6.81 -17.09
C GLY A 236 -14.41 5.45 -16.58
N GLU A 237 -13.29 4.86 -17.01
CA GLU A 237 -12.95 3.50 -16.63
C GLU A 237 -11.70 3.44 -15.76
N GLU A 238 -11.29 4.57 -15.18
CA GLU A 238 -10.06 4.61 -14.39
C GLU A 238 -10.17 3.76 -13.13
N TRP A 239 -11.39 3.43 -12.67
CA TRP A 239 -11.53 2.57 -11.51
C TRP A 239 -10.78 1.25 -11.70
N ASN A 240 -10.58 0.83 -12.95
CA ASN A 240 -9.90 -0.44 -13.22
C ASN A 240 -8.49 -0.43 -12.66
N CYS A 241 -7.85 0.73 -12.61
CA CYS A 241 -6.46 0.89 -12.21
C CYS A 241 -6.24 0.77 -10.71
N PHE A 242 -7.31 0.66 -9.93
CA PHE A 242 -7.23 0.37 -8.50
C PHE A 242 -7.10 -1.12 -8.21
N PHE A 243 -7.20 -1.97 -9.23
CA PHE A 243 -7.10 -3.40 -9.05
C PHE A 243 -5.73 -3.88 -9.52
N GLY A 244 -4.92 -4.34 -8.57
CA GLY A 244 -3.57 -4.82 -8.80
C GLY A 244 -3.36 -5.55 -10.12
N TYR A 245 -4.13 -6.61 -10.41
CA TYR A 245 -3.80 -7.42 -11.58
C TYR A 245 -3.99 -6.65 -12.88
N LYS A 246 -4.69 -5.52 -12.84
CA LYS A 246 -4.87 -4.68 -14.04
C LYS A 246 -3.84 -3.56 -14.12
N VAL A 247 -3.45 -2.95 -13.01
CA VAL A 247 -2.51 -1.83 -13.05
C VAL A 247 -1.07 -2.31 -13.05
N TYR A 248 -0.78 -3.42 -12.34
CA TYR A 248 0.59 -3.89 -12.20
C TYR A 248 1.32 -4.08 -13.52
N PRO A 249 0.76 -4.71 -14.57
CA PRO A 249 1.55 -4.89 -15.80
C PRO A 249 1.88 -3.60 -16.53
N THR A 250 1.24 -2.48 -16.17
CA THR A 250 1.54 -1.19 -16.80
C THR A 250 2.68 -0.45 -16.12
N LEU A 251 3.13 -0.93 -14.96
CA LEU A 251 4.10 -0.19 -14.16
C LEU A 251 5.52 -0.47 -14.63
N ARG A 252 6.35 0.56 -14.61
CA ARG A 252 7.76 0.35 -14.94
C ARG A 252 8.65 0.14 -13.72
N SER A 253 8.28 0.63 -12.56
CA SER A 253 9.11 0.39 -11.39
C SER A 253 8.98 -1.05 -10.89
N PRO A 254 10.04 -1.60 -10.31
CA PRO A 254 9.93 -2.92 -9.67
C PRO A 254 8.96 -2.86 -8.49
N VAL A 255 8.03 -3.80 -8.44
CA VAL A 255 7.06 -3.85 -7.34
C VAL A 255 6.99 -5.28 -6.82
N PHE A 256 7.18 -5.43 -5.51
CA PHE A 256 7.03 -6.70 -4.82
C PHE A 256 5.62 -6.73 -4.24
N VAL A 257 4.87 -7.80 -4.53
CA VAL A 257 3.47 -7.91 -4.13
C VAL A 257 3.35 -8.93 -3.00
N VAL A 258 2.86 -8.47 -1.85
CA VAL A 258 2.55 -9.32 -0.71
C VAL A 258 1.04 -9.38 -0.60
N GLN A 259 0.47 -10.58 -0.64
CA GLN A 259 -0.98 -10.69 -0.63
C GLN A 259 -1.40 -12.02 -0.03
N TRP A 260 -2.10 -11.97 1.10
CA TRP A 260 -2.77 -13.18 1.58
C TRP A 260 -3.73 -13.70 0.51
N LEU A 261 -3.73 -15.01 0.29
CA LEU A 261 -4.64 -15.57 -0.70
C LEU A 261 -6.10 -15.38 -0.26
N PHE A 262 -6.36 -15.35 1.03
CA PHE A 262 -7.70 -15.18 1.57
C PHE A 262 -7.74 -13.92 2.42
N ASP A 263 -7.59 -12.78 1.76
CA ASP A 263 -7.50 -11.52 2.49
C ASP A 263 -8.84 -11.19 3.17
N GLU A 264 -8.78 -10.82 4.45
CA GLU A 264 -10.02 -10.52 5.18
C GLU A 264 -10.80 -9.37 4.57
N ALA A 265 -10.11 -8.38 4.00
CA ALA A 265 -10.83 -7.27 3.39
C ALA A 265 -11.53 -7.73 2.11
N GLN A 266 -10.87 -8.60 1.34
CA GLN A 266 -11.50 -9.21 0.18
C GLN A 266 -12.75 -10.00 0.59
N LEU A 267 -12.64 -10.82 1.64
CA LEU A 267 -13.79 -11.60 2.04
C LEU A 267 -14.91 -10.70 2.57
N THR A 268 -14.57 -9.60 3.24
CA THR A 268 -15.58 -8.68 3.74
C THR A 268 -16.42 -8.12 2.61
N VAL A 269 -15.77 -7.54 1.60
CA VAL A 269 -16.50 -6.96 0.49
C VAL A 269 -17.22 -8.05 -0.32
N ASP A 270 -16.75 -9.29 -0.26
CA ASP A 270 -17.45 -10.40 -0.89
C ASP A 270 -18.57 -10.98 -0.03
N ASN A 271 -18.85 -10.39 1.13
CA ASN A 271 -19.90 -10.86 2.04
C ASN A 271 -19.68 -12.32 2.45
N VAL A 272 -18.44 -12.67 2.75
CA VAL A 272 -18.07 -13.98 3.30
C VAL A 272 -17.71 -13.78 4.76
N HIS A 273 -18.44 -14.45 5.65
CA HIS A 273 -18.21 -14.34 7.09
C HIS A 273 -18.13 -15.72 7.71
N VAL A 279 -18.86 -25.36 7.00
CA VAL A 279 -18.94 -24.64 5.73
C VAL A 279 -19.53 -25.55 4.67
N GLN A 280 -20.65 -25.16 4.09
CA GLN A 280 -21.27 -26.03 3.10
C GLN A 280 -20.67 -25.80 1.72
N GLU A 281 -21.05 -26.67 0.79
CA GLU A 281 -20.35 -26.81 -0.49
C GLU A 281 -20.27 -25.49 -1.26
N GLY A 282 -21.36 -24.72 -1.30
CA GLY A 282 -21.36 -23.49 -2.08
C GLY A 282 -20.29 -22.52 -1.63
N LEU A 283 -20.19 -22.31 -0.32
CA LEU A 283 -19.17 -21.41 0.21
C LEU A 283 -17.78 -22.02 0.09
N ARG A 284 -17.66 -23.34 0.30
CA ARG A 284 -16.37 -23.99 0.10
C ARG A 284 -15.85 -23.77 -1.32
N LEU A 285 -16.71 -24.00 -2.31
CA LEU A 285 -16.30 -23.77 -3.69
C LEU A 285 -15.97 -22.30 -3.93
N TYR A 286 -16.78 -21.39 -3.36
CA TYR A 286 -16.51 -19.96 -3.54
C TYR A 286 -15.14 -19.59 -2.99
N ILE A 287 -14.82 -20.05 -1.79
CA ILE A 287 -13.53 -19.75 -1.17
C ILE A 287 -12.39 -20.37 -1.95
N GLN A 288 -12.54 -21.63 -2.36
CA GLN A 288 -11.46 -22.29 -3.12
C GLN A 288 -11.21 -21.60 -4.45
N ASN A 289 -12.28 -21.17 -5.13
CA ASN A 289 -12.13 -20.44 -6.39
C ASN A 289 -11.47 -19.09 -6.17
N LEU A 290 -11.77 -18.41 -5.06
CA LEU A 290 -11.15 -17.12 -4.78
C LEU A 290 -9.64 -17.25 -4.66
N GLY A 291 -9.18 -18.25 -3.90
CA GLY A 291 -7.75 -18.50 -3.81
C GLY A 291 -7.12 -18.87 -5.15
N ARG A 292 -7.81 -19.71 -5.93
CA ARG A 292 -7.28 -20.07 -7.24
C ARG A 292 -7.19 -18.84 -8.14
N GLU A 293 -8.20 -17.97 -8.11
CA GLU A 293 -8.16 -16.77 -8.93
C GLU A 293 -7.01 -15.86 -8.49
N LEU A 294 -6.83 -15.67 -7.18
N LEU A 294 -6.83 -15.67 -7.18
CA LEU A 294 -5.73 -14.84 -6.72
CA LEU A 294 -5.74 -14.85 -6.72
C LEU A 294 -4.39 -15.43 -7.16
C LEU A 294 -4.39 -15.42 -7.17
N ARG A 295 -4.22 -16.74 -6.99
CA ARG A 295 -3.01 -17.42 -7.45
C ARG A 295 -2.73 -17.16 -8.92
N HIS A 296 -3.78 -17.18 -9.74
CA HIS A 296 -3.62 -16.98 -11.18
C HIS A 296 -3.17 -15.58 -11.51
N THR A 297 -3.70 -14.57 -10.80
CA THR A 297 -3.28 -13.21 -11.07
C THR A 297 -1.83 -12.96 -10.69
N LEU A 298 -1.25 -13.77 -9.81
CA LEU A 298 0.14 -13.58 -9.40
C LEU A 298 1.12 -14.43 -10.22
N LYS A 299 0.61 -15.25 -11.15
CA LYS A 299 1.47 -16.19 -11.86
C LYS A 299 2.61 -15.48 -12.60
N ASP A 300 2.34 -14.31 -13.17
CA ASP A 300 3.36 -13.56 -13.90
C ASP A 300 3.84 -12.33 -13.12
N VAL A 301 3.74 -12.37 -11.79
CA VAL A 301 4.36 -11.36 -10.93
C VAL A 301 5.63 -11.98 -10.35
N PRO A 302 6.82 -11.59 -10.83
CA PRO A 302 8.02 -12.33 -10.43
C PRO A 302 8.42 -12.13 -8.97
N ALA A 303 8.08 -11.00 -8.33
CA ALA A 303 8.43 -10.76 -6.93
C ALA A 303 7.12 -10.72 -6.15
N SER A 304 6.78 -11.81 -5.49
CA SER A 304 5.51 -11.88 -4.80
C SER A 304 5.61 -12.86 -3.66
N PHE A 305 4.76 -12.64 -2.65
CA PHE A 305 4.74 -13.47 -1.44
C PHE A 305 3.27 -13.60 -1.08
N ALA A 306 2.71 -14.82 -1.21
CA ALA A 306 1.26 -15.00 -1.16
C ALA A 306 0.90 -16.27 -0.42
N PRO A 307 0.82 -16.20 0.91
CA PRO A 307 0.46 -17.40 1.70
C PRO A 307 -1.04 -17.66 1.74
N ALA A 308 -1.38 -18.96 1.87
CA ALA A 308 -2.76 -19.43 1.98
C ALA A 308 -3.25 -19.29 3.42
N CYS A 309 -3.50 -18.04 3.79
CA CYS A 309 -3.99 -17.68 5.12
C CYS A 309 -5.15 -16.72 5.00
N LEU A 310 -6.06 -16.80 5.97
CA LEU A 310 -7.06 -15.79 6.20
C LEU A 310 -6.47 -14.79 7.18
N SER A 311 -6.14 -13.60 6.68
CA SER A 311 -5.51 -12.58 7.51
C SER A 311 -5.58 -11.24 6.77
N HIS A 312 -4.97 -10.22 7.36
CA HIS A 312 -5.04 -8.86 6.80
C HIS A 312 -3.80 -8.08 7.24
N GLU A 313 -3.04 -7.58 6.26
CA GLU A 313 -1.78 -6.85 6.44
C GLU A 313 -0.68 -7.74 6.99
N ILE A 314 0.58 -7.33 6.81
CA ILE A 314 1.67 -8.07 7.43
C ILE A 314 2.89 -7.22 7.70
N ILE A 315 3.25 -6.31 6.78
CA ILE A 315 4.63 -5.85 6.83
C ILE A 315 4.93 -4.95 8.02
N ILE A 316 3.95 -4.28 8.64
CA ILE A 316 4.31 -3.53 9.85
C ILE A 316 3.90 -4.26 11.12
N ARG A 317 3.57 -5.55 11.03
CA ARG A 317 3.32 -6.34 12.23
C ARG A 317 4.63 -6.81 12.84
N SER A 318 4.69 -6.79 14.17
CA SER A 318 5.95 -7.12 14.85
C SER A 318 6.40 -8.53 14.54
N HIS A 319 5.46 -9.46 14.33
CA HIS A 319 5.80 -10.85 14.05
C HIS A 319 5.69 -11.19 12.57
N TRP A 320 5.92 -10.21 11.70
CA TRP A 320 5.92 -10.45 10.27
C TRP A 320 7.01 -11.40 9.82
N THR A 321 8.01 -11.68 10.67
CA THR A 321 9.07 -12.63 10.35
C THR A 321 8.62 -14.09 10.42
N ASP A 322 7.44 -14.36 10.97
CA ASP A 322 7.05 -15.72 11.31
C ASP A 322 6.51 -16.49 10.11
N VAL A 323 5.76 -15.84 9.22
N VAL A 323 5.83 -15.81 9.20
CA VAL A 323 5.11 -16.59 8.16
CA VAL A 323 5.15 -16.46 8.07
C VAL A 323 6.15 -16.98 7.10
C VAL A 323 6.18 -16.95 7.05
N GLN A 324 5.95 -18.14 6.50
CA GLN A 324 6.84 -18.69 5.49
C GLN A 324 6.02 -19.30 4.35
N VAL A 325 6.53 -19.18 3.13
CA VAL A 325 6.00 -19.89 1.97
C VAL A 325 7.11 -20.75 1.40
N LYS A 326 6.84 -22.05 1.26
CA LYS A 326 7.84 -23.02 0.79
C LYS A 326 9.15 -22.88 1.57
N GLY A 327 9.04 -22.62 2.87
CA GLY A 327 10.21 -22.53 3.73
C GLY A 327 10.95 -21.20 3.77
N THR A 328 10.47 -20.17 3.06
CA THR A 328 11.15 -18.88 2.98
C THR A 328 10.29 -17.80 3.62
N SER A 329 10.87 -17.03 4.52
CA SER A 329 10.12 -15.97 5.20
C SER A 329 9.99 -14.75 4.29
N LEU A 330 9.05 -13.86 4.64
CA LEU A 330 8.94 -12.64 3.86
C LEU A 330 10.20 -11.77 3.94
N PRO A 331 10.80 -11.55 5.12
CA PRO A 331 12.08 -10.81 5.13
C PRO A 331 13.14 -11.40 4.24
N ARG A 332 13.25 -12.74 4.17
CA ARG A 332 14.22 -13.34 3.28
C ARG A 332 13.85 -13.10 1.82
N ALA A 333 12.56 -13.28 1.47
CA ALA A 333 12.11 -13.03 0.11
C ALA A 333 12.44 -11.61 -0.35
N LEU A 334 12.25 -10.62 0.53
CA LEU A 334 12.58 -9.23 0.20
C LEU A 334 14.08 -9.03 0.02
N HIS A 335 14.90 -9.68 0.85
CA HIS A 335 16.35 -9.61 0.66
C HIS A 335 16.76 -10.25 -0.68
N CYS A 336 16.15 -11.39 -1.02
CA CYS A 336 16.41 -12.02 -2.31
C CYS A 336 16.01 -11.11 -3.47
N TRP A 337 14.89 -10.40 -3.32
CA TRP A 337 14.51 -9.37 -4.28
C TRP A 337 15.58 -8.29 -4.42
N ASP A 338 16.10 -7.78 -3.28
CA ASP A 338 17.19 -6.81 -3.36
C ASP A 338 18.36 -7.38 -4.18
N ARG A 339 18.69 -8.65 -3.95
CA ARG A 339 19.82 -9.25 -4.67
C ARG A 339 19.53 -9.35 -6.17
N SER A 340 18.30 -9.70 -6.52
CA SER A 340 17.92 -9.82 -7.93
C SER A 340 17.99 -8.49 -8.66
N LEU A 341 17.88 -7.37 -7.94
CA LEU A 341 17.89 -6.05 -8.57
C LEU A 341 19.29 -5.44 -8.60
N HIS A 342 20.31 -6.19 -8.21
CA HIS A 342 21.68 -5.77 -8.49
C HIS A 342 21.90 -5.65 -9.98
N PRO A 351 17.98 -16.51 -11.98
CA PRO A 351 17.47 -16.85 -10.64
C PRO A 351 18.59 -17.18 -9.67
N LEU A 352 18.35 -16.91 -8.39
CA LEU A 352 19.36 -17.09 -7.36
C LEU A 352 19.22 -18.46 -6.70
N LYS A 353 20.36 -19.10 -6.45
CA LYS A 353 20.36 -20.40 -5.79
C LYS A 353 19.92 -20.24 -4.33
N GLY A 354 18.80 -20.88 -3.98
CA GLY A 354 18.34 -20.83 -2.59
C GLY A 354 17.82 -19.49 -2.11
N CYS A 355 17.57 -18.54 -3.00
CA CYS A 355 17.07 -17.21 -2.63
C CYS A 355 15.89 -16.86 -3.54
N PRO A 356 14.74 -17.47 -3.32
CA PRO A 356 13.60 -17.24 -4.23
C PRO A 356 12.93 -15.90 -3.96
N VAL A 357 12.28 -15.40 -5.00
CA VAL A 357 11.54 -14.15 -4.92
C VAL A 357 10.07 -14.31 -5.29
N HIS A 358 9.68 -15.41 -5.91
CA HIS A 358 8.28 -15.65 -6.28
C HIS A 358 7.77 -16.79 -5.41
N LEU A 359 6.92 -16.48 -4.44
CA LEU A 359 6.51 -17.44 -3.41
C LEU A 359 5.00 -17.40 -3.24
N VAL A 360 4.29 -18.28 -3.94
CA VAL A 360 2.84 -18.30 -3.92
C VAL A 360 2.39 -19.67 -3.49
N ASP A 361 1.63 -19.74 -2.39
CA ASP A 361 1.14 -21.04 -1.93
C ASP A 361 0.23 -21.66 -2.98
N SER A 362 0.30 -22.97 -3.09
CA SER A 362 -0.58 -23.71 -3.98
C SER A 362 -1.69 -24.43 -3.25
N CYS A 363 -1.62 -24.55 -1.93
CA CYS A 363 -2.67 -25.30 -1.25
C CYS A 363 -3.96 -24.44 -1.19
N PRO A 364 -5.12 -25.08 -1.20
CA PRO A 364 -6.36 -24.36 -1.59
C PRO A 364 -7.28 -23.92 -0.46
N TRP A 365 -6.86 -23.93 0.81
CA TRP A 365 -7.77 -23.59 1.90
C TRP A 365 -7.03 -22.79 2.96
N PRO A 366 -7.69 -21.81 3.58
CA PRO A 366 -7.01 -21.02 4.61
C PRO A 366 -6.38 -21.90 5.69
N HIS A 367 -5.15 -21.55 6.04
CA HIS A 367 -4.34 -22.22 7.05
C HIS A 367 -3.90 -23.62 6.63
N CYS A 368 -3.99 -23.96 5.34
CA CYS A 368 -3.23 -25.10 4.86
C CYS A 368 -1.74 -24.86 4.97
N ASN A 369 -1.33 -23.59 5.07
CA ASN A 369 0.05 -23.25 5.39
C ASN A 369 0.21 -23.23 6.90
N PRO A 370 1.09 -24.05 7.47
CA PRO A 370 1.16 -24.13 8.94
C PRO A 370 1.69 -22.85 9.61
N SER A 371 2.38 -21.97 8.88
CA SER A 371 2.94 -20.78 9.48
C SER A 371 1.98 -19.58 9.46
N CYS A 372 0.71 -19.78 9.04
CA CYS A 372 -0.25 -18.69 9.05
C CYS A 372 -0.39 -18.11 10.45
N PRO A 373 -0.64 -16.81 10.57
CA PRO A 373 -0.87 -16.22 11.90
C PRO A 373 -2.08 -16.85 12.57
N THR A 374 -1.99 -17.04 13.88
CA THR A 374 -3.15 -17.47 14.64
C THR A 374 -4.04 -16.28 14.95
S SO4 B . -10.44 9.28 16.41
O1 SO4 B . -9.52 8.94 15.32
O2 SO4 B . -10.35 8.27 17.45
O3 SO4 B . -11.81 9.37 15.91
O4 SO4 B . -10.03 10.57 16.93
C1 NAG C . 2.34 23.59 -2.28
C2 NAG C . 3.24 24.08 -3.41
C3 NAG C . 2.43 24.42 -4.65
C4 NAG C . 1.54 23.25 -5.05
C5 NAG C . 0.69 22.78 -3.87
C6 NAG C . -0.06 21.51 -4.16
C7 NAG C . 5.32 25.13 -2.65
C8 NAG C . 5.99 26.41 -2.24
N2 NAG C . 4.04 25.22 -2.98
O3 NAG C . 3.34 24.68 -5.71
O4 NAG C . 0.68 23.64 -6.11
O5 NAG C . 1.55 22.49 -2.75
O6 NAG C . 0.82 20.48 -4.57
O7 NAG C . 5.93 24.06 -2.68
S DMS D . 19.90 -3.65 6.61
O DMS D . 19.29 -2.30 6.91
C1 DMS D . 21.61 -3.63 7.21
C2 DMS D . 20.23 -3.73 4.83
S DMS E . -1.20 8.85 13.34
O DMS E . -2.57 8.65 13.94
C1 DMS E . -0.92 7.58 12.08
C2 DMS E . 0.02 8.30 14.55
C1 GOL F . 8.40 -5.57 -11.40
O1 GOL F . 7.70 -6.24 -10.42
C2 GOL F . 7.35 -5.00 -12.35
O2 GOL F . 6.69 -3.93 -11.80
C3 GOL F . 8.11 -4.65 -13.66
O3 GOL F . 8.88 -3.52 -13.40
C01 U3T G . -12.21 -5.94 -3.30
C02 U3T G . -11.93 -5.08 -2.52
C03 U3T G . -11.55 -3.95 -1.54
C05 U3T G . -10.75 -2.15 -2.86
C06 U3T G . -10.55 -2.53 -4.17
C07 U3T G . -9.49 -2.02 -4.89
C08 U3T G . -8.61 -1.14 -4.29
C09 U3T G . -8.81 -0.74 -2.98
C10 U3T G . -9.87 -1.25 -2.25
C11 U3T G . -10.06 -0.81 -0.81
C12 U3T G . -8.88 -1.17 0.09
C13 U3T G . -9.28 -1.20 1.56
C14 U3T G . -8.41 -2.17 2.36
C15 U3T G . -8.72 -2.20 3.87
C16 U3T G . -7.87 -1.23 4.70
O04 U3T G . -11.83 -2.72 -2.15
O17 U3T G . -7.37 -0.21 4.16
O18 U3T G . -7.67 -1.47 5.94
S SO4 H . -19.39 17.86 -0.46
O1 SO4 H . -18.60 16.89 0.28
O2 SO4 H . -18.54 18.99 -0.84
O3 SO4 H . -19.93 17.23 -1.66
O4 SO4 H . -20.51 18.32 0.38
S SO4 I . -21.24 -30.26 2.06
O1 SO4 I . -20.33 -29.56 2.97
O2 SO4 I . -20.45 -30.78 0.94
O3 SO4 I . -21.89 -31.36 2.77
O4 SO4 I . -22.28 -29.34 1.59
S SO4 J . 13.59 19.50 12.64
O1 SO4 J . 13.92 18.08 12.74
O2 SO4 J . 14.30 20.08 11.51
O3 SO4 J . 12.15 19.66 12.44
O4 SO4 J . 13.99 20.17 13.88
S SO4 K . -23.42 -19.37 4.76
O1 SO4 K . -22.68 -20.46 5.42
O2 SO4 K . -22.62 -18.16 4.79
O3 SO4 K . -24.68 -19.14 5.47
O4 SO4 K . -23.69 -19.75 3.37
#